data_2A0X
#
_entry.id   2A0X
#
_cell.length_a   141.764
_cell.length_b   141.764
_cell.length_c   166.172
_cell.angle_alpha   90
_cell.angle_beta   90
_cell.angle_gamma   120
#
_symmetry.space_group_name_H-M   'H 3 2'
#
loop_
_entity.id
_entity.type
_entity.pdbx_description
1 polymer 'Purine nucleoside phosphorylase'
2 non-polymer 'SULFATE ION'
3 non-polymer 7-[[(3R,4R)-3-(hydroxymethyl)-4-oxidanyl-pyrrolidin-1-ium-1-yl]methyl]-3,5-dihydropyrrolo[3,2-d]pyrimidin-4-one
4 water water
#
_entity_poly.entity_id   1
_entity_poly.type   'polypeptide(L)'
_entity_poly.pdbx_seq_one_letter_code
;MENGYTYEDYKNTAEWLLSHTKHRPQVAIICGSGLGGLTDKLTQAQIFDYSEIPNFPRSTVPGHAGRLVFGFLNGRACVM
MQGRFHMYEGYPLWKVTFPVRVFHLLGVDTLVVTNAAGGLNPKFEVGDIMLIRDHINLPGFSGQNPLRGPNDERFGDRFP
AMSDAYDRTMRQRALSTWKQMGEQRELQEGTYVMVAGPSFETVAECRVLQKLGADAVGMSTVPEVIVARHCGLRVFGFSL
ITNKVIMDYESLEKANFEEVLAAGKQAAQKLEQFVSILMASIPLPDKAS
;
_entity_poly.pdbx_strand_id   A
#
loop_
_chem_comp.id
_chem_comp.type
_chem_comp.name
_chem_comp.formula
DIH non-polymer 7-[[(3R,4R)-3-(hydroxymethyl)-4-oxidanyl-pyrrolidin-1-ium-1-yl]methyl]-3,5-dihydropyrrolo[3,2-d]pyrimidin-4-one 'C12 H17 N4 O3 1'
SO4 non-polymer 'SULFATE ION' 'O4 S -2'
#
# COMPACT_ATOMS: atom_id res chain seq x y z
N ASN A 3 -5.42 6.09 -20.59
CA ASN A 3 -5.78 6.77 -19.30
C ASN A 3 -6.94 7.74 -19.54
N GLY A 4 -7.99 7.61 -18.75
CA GLY A 4 -9.15 8.47 -18.90
C GLY A 4 -9.04 9.81 -18.18
N TYR A 5 -7.96 10.03 -17.43
CA TYR A 5 -7.78 11.29 -16.70
C TYR A 5 -6.81 12.22 -17.41
N THR A 6 -7.11 13.52 -17.41
CA THR A 6 -6.23 14.51 -18.00
C THR A 6 -5.57 15.17 -16.80
N TYR A 7 -4.48 15.89 -17.02
CA TYR A 7 -3.79 16.55 -15.92
C TYR A 7 -4.78 17.40 -15.09
N GLU A 8 -5.66 18.11 -15.79
CA GLU A 8 -6.68 18.96 -15.16
C GLU A 8 -7.49 18.21 -14.12
N ASP A 9 -7.87 16.97 -14.43
CA ASP A 9 -8.67 16.18 -13.50
C ASP A 9 -7.97 16.00 -12.15
N TYR A 10 -6.69 15.67 -12.16
CA TYR A 10 -5.93 15.50 -10.91
C TYR A 10 -5.91 16.84 -10.19
N LYS A 11 -5.67 17.91 -10.95
CA LYS A 11 -5.58 19.27 -10.42
C LYS A 11 -6.90 19.69 -9.79
N ASN A 12 -8.00 19.46 -10.51
CA ASN A 12 -9.31 19.83 -10.00
C ASN A 12 -9.67 19.10 -8.72
N THR A 13 -9.30 17.83 -8.61
CA THR A 13 -9.60 17.04 -7.42
C THR A 13 -8.77 17.55 -6.25
N ALA A 14 -7.52 17.91 -6.52
CA ALA A 14 -6.64 18.41 -5.48
C ALA A 14 -7.13 19.76 -4.98
N GLU A 15 -7.46 20.65 -5.91
CA GLU A 15 -7.95 21.98 -5.54
C GLU A 15 -9.27 21.90 -4.78
N TRP A 16 -10.09 20.89 -5.09
CA TRP A 16 -11.36 20.73 -4.41
C TRP A 16 -11.07 20.34 -2.97
N LEU A 17 -10.20 19.35 -2.79
CA LEU A 17 -9.83 18.88 -1.46
C LEU A 17 -9.16 19.98 -0.64
N LEU A 18 -8.21 20.68 -1.25
CA LEU A 18 -7.49 21.76 -0.58
C LEU A 18 -8.43 22.85 -0.10
N SER A 19 -9.54 23.06 -0.79
CA SER A 19 -10.47 24.10 -0.41
C SER A 19 -11.60 23.60 0.48
N HIS A 20 -11.55 22.32 0.85
CA HIS A 20 -12.58 21.75 1.71
C HIS A 20 -12.00 21.25 3.03
N THR A 21 -10.72 21.49 3.21
CA THR A 21 -10.06 21.09 4.45
C THR A 21 -8.93 22.06 4.73
N LYS A 22 -8.72 22.35 6.01
CA LYS A 22 -7.65 23.25 6.41
C LYS A 22 -6.38 22.41 6.39
N HIS A 23 -6.57 21.10 6.50
CA HIS A 23 -5.46 20.17 6.52
C HIS A 23 -4.59 20.22 5.26
N ARG A 24 -3.28 20.10 5.47
CA ARG A 24 -2.29 20.09 4.40
C ARG A 24 -1.36 18.94 4.78
N PRO A 25 -1.64 17.75 4.23
CA PRO A 25 -0.86 16.53 4.49
C PRO A 25 0.52 16.47 3.89
N GLN A 26 1.41 15.80 4.60
CA GLN A 26 2.78 15.62 4.15
C GLN A 26 2.97 14.14 3.86
N VAL A 27 2.32 13.32 4.67
CA VAL A 27 2.42 11.87 4.53
C VAL A 27 1.08 11.21 4.17
N ALA A 28 1.07 10.49 3.04
CA ALA A 28 -0.13 9.77 2.63
C ALA A 28 0.05 8.33 3.08
N ILE A 29 -0.99 7.75 3.67
CA ILE A 29 -0.90 6.36 4.13
C ILE A 29 -2.03 5.51 3.56
N ILE A 30 -1.67 4.42 2.90
CA ILE A 30 -2.66 3.53 2.34
C ILE A 30 -2.80 2.33 3.26
N CYS A 31 -3.98 2.17 3.84
CA CYS A 31 -4.23 1.06 4.76
C CYS A 31 -4.61 -0.20 4.00
N GLY A 32 -3.90 -1.28 4.28
CA GLY A 32 -4.20 -2.54 3.62
C GLY A 32 -5.40 -3.19 4.28
N SER A 33 -5.73 -4.39 3.84
CA SER A 33 -6.88 -5.11 4.40
C SER A 33 -6.70 -5.40 5.89
N GLY A 34 -7.71 -5.03 6.67
CA GLY A 34 -7.69 -5.24 8.11
C GLY A 34 -6.70 -4.36 8.85
N LEU A 35 -6.38 -3.21 8.26
CA LEU A 35 -5.43 -2.29 8.87
C LEU A 35 -6.04 -0.91 8.87
N GLY A 36 -7.31 -0.84 8.50
CA GLY A 36 -8.01 0.43 8.45
C GLY A 36 -8.14 1.10 9.81
N GLY A 37 -8.01 0.31 10.87
CA GLY A 37 -8.11 0.85 12.21
C GLY A 37 -7.15 1.99 12.47
N LEU A 38 -6.05 2.01 11.72
CA LEU A 38 -5.03 3.04 11.86
C LEU A 38 -5.66 4.42 11.86
N THR A 39 -6.79 4.56 11.19
CA THR A 39 -7.48 5.84 11.10
C THR A 39 -7.99 6.33 12.46
N ASP A 40 -8.10 5.42 13.41
CA ASP A 40 -8.59 5.78 14.74
C ASP A 40 -7.55 6.52 15.60
N LYS A 41 -6.29 6.48 15.18
CA LYS A 41 -5.23 7.14 15.93
C LYS A 41 -4.95 8.57 15.49
N LEU A 42 -5.72 9.05 14.51
CA LEU A 42 -5.53 10.41 14.02
C LEU A 42 -6.30 11.38 14.92
N THR A 43 -5.82 12.62 15.01
CA THR A 43 -6.47 13.62 15.83
C THR A 43 -6.85 14.77 14.91
N GLN A 44 -7.95 15.45 15.25
CA GLN A 44 -8.44 16.55 14.42
C GLN A 44 -8.76 15.95 13.05
N ALA A 45 -9.25 14.72 13.07
CA ALA A 45 -9.59 14.00 11.87
C ALA A 45 -10.76 14.61 11.11
N GLN A 46 -10.64 14.63 9.78
CA GLN A 46 -11.69 15.15 8.92
C GLN A 46 -11.89 14.07 7.85
N ILE A 47 -13.12 13.57 7.76
CA ILE A 47 -13.43 12.51 6.82
C ILE A 47 -14.13 12.94 5.52
N PHE A 48 -13.73 12.29 4.43
CA PHE A 48 -14.28 12.52 3.10
C PHE A 48 -14.59 11.15 2.51
N ASP A 49 -15.84 10.92 2.12
CA ASP A 49 -16.18 9.65 1.51
C ASP A 49 -15.64 9.73 0.08
N TYR A 50 -15.11 8.64 -0.45
CA TYR A 50 -14.59 8.68 -1.81
C TYR A 50 -15.66 9.24 -2.76
N SER A 51 -16.90 8.77 -2.57
CA SER A 51 -18.03 9.18 -3.39
C SER A 51 -18.24 10.69 -3.52
N GLU A 52 -17.82 11.46 -2.53
CA GLU A 52 -18.01 12.90 -2.60
C GLU A 52 -16.83 13.64 -3.23
N ILE A 53 -15.73 12.94 -3.44
CA ILE A 53 -14.56 13.58 -4.03
C ILE A 53 -14.60 13.51 -5.55
N PRO A 54 -14.51 14.66 -6.22
CA PRO A 54 -14.54 14.75 -7.69
C PRO A 54 -13.50 13.83 -8.32
N ASN A 55 -13.91 13.10 -9.37
CA ASN A 55 -13.03 12.21 -10.12
C ASN A 55 -12.55 10.93 -9.44
N PHE A 56 -12.90 10.75 -8.17
CA PHE A 56 -12.48 9.54 -7.48
C PHE A 56 -13.24 8.31 -7.98
N PRO A 57 -12.54 7.18 -8.11
CA PRO A 57 -13.21 5.96 -8.58
C PRO A 57 -14.28 5.64 -7.54
N ARG A 58 -15.52 5.40 -7.94
CA ARG A 58 -16.53 5.10 -6.94
C ARG A 58 -16.58 3.61 -6.56
N SER A 59 -16.24 3.36 -5.30
CA SER A 59 -16.22 2.01 -4.74
C SER A 59 -17.53 1.26 -5.00
N THR A 60 -17.49 0.33 -5.95
CA THR A 60 -18.66 -0.47 -6.33
C THR A 60 -19.49 -1.00 -5.14
N VAL A 61 -19.15 -2.19 -4.64
CA VAL A 61 -19.89 -2.76 -3.52
C VAL A 61 -19.11 -3.71 -2.59
N PRO A 62 -17.81 -3.44 -2.35
CA PRO A 62 -17.05 -4.33 -1.45
C PRO A 62 -17.49 -4.11 0.01
N GLY A 63 -18.33 -3.10 0.18
CA GLY A 63 -18.83 -2.76 1.51
C GLY A 63 -19.26 -1.30 1.54
N HIS A 64 -19.11 -0.63 0.39
CA HIS A 64 -19.47 0.77 0.23
C HIS A 64 -18.67 1.67 1.16
N ALA A 65 -17.71 1.09 1.88
CA ALA A 65 -16.86 1.88 2.79
C ALA A 65 -15.53 2.29 2.16
N GLY A 66 -15.49 3.49 1.61
CA GLY A 66 -14.27 4.01 0.99
C GLY A 66 -14.10 5.44 1.42
N ARG A 67 -13.15 5.72 2.31
CA ARG A 67 -12.96 7.08 2.80
C ARG A 67 -11.52 7.58 2.86
N LEU A 68 -11.40 8.90 2.72
CA LEU A 68 -10.13 9.60 2.78
C LEU A 68 -10.16 10.37 4.10
N VAL A 69 -9.26 10.04 5.02
CA VAL A 69 -9.23 10.72 6.33
C VAL A 69 -7.97 11.56 6.53
N PHE A 70 -8.16 12.86 6.72
CA PHE A 70 -7.06 13.79 6.96
C PHE A 70 -6.94 14.02 8.46
N GLY A 71 -5.71 14.20 8.93
CA GLY A 71 -5.51 14.43 10.35
C GLY A 71 -4.04 14.42 10.73
N PHE A 72 -3.77 14.36 12.03
CA PHE A 72 -2.41 14.32 12.50
C PHE A 72 -2.15 12.96 13.14
N LEU A 73 -1.03 12.35 12.74
CA LEU A 73 -0.65 11.06 13.27
C LEU A 73 0.73 11.22 13.88
N ASN A 74 0.78 11.14 15.21
CA ASN A 74 2.01 11.26 15.97
C ASN A 74 2.98 12.32 15.44
N GLY A 75 2.51 13.54 15.28
CA GLY A 75 3.37 14.62 14.82
C GLY A 75 3.42 14.94 13.32
N ARG A 76 2.71 14.17 12.50
CA ARG A 76 2.73 14.43 11.07
C ARG A 76 1.35 14.67 10.47
N ALA A 77 1.27 15.61 9.54
CA ALA A 77 0.01 15.89 8.87
C ALA A 77 -0.19 14.74 7.87
N CYS A 78 -1.19 13.90 8.12
CA CYS A 78 -1.46 12.76 7.27
C CYS A 78 -2.80 12.79 6.54
N VAL A 79 -2.87 11.94 5.52
CA VAL A 79 -4.08 11.71 4.74
C VAL A 79 -4.06 10.20 4.57
N MET A 80 -5.11 9.55 5.06
CA MET A 80 -5.17 8.10 4.97
C MET A 80 -6.28 7.61 4.05
N MET A 81 -5.98 6.53 3.33
CA MET A 81 -6.95 5.90 2.46
C MET A 81 -7.43 4.69 3.23
N GLN A 82 -8.71 4.66 3.57
CA GLN A 82 -9.26 3.51 4.26
C GLN A 82 -10.06 2.82 3.16
N GLY A 83 -9.47 1.75 2.65
CA GLY A 83 -10.07 1.02 1.55
C GLY A 83 -9.26 1.51 0.34
N ARG A 84 -8.68 0.57 -0.38
CA ARG A 84 -7.89 0.91 -1.56
C ARG A 84 -8.50 0.21 -2.76
N PHE A 85 -8.15 0.65 -3.96
CA PHE A 85 -8.70 0.05 -5.17
C PHE A 85 -7.79 -1.07 -5.68
N HIS A 86 -8.39 -2.15 -6.17
CA HIS A 86 -7.61 -3.27 -6.68
C HIS A 86 -7.92 -3.52 -8.14
N MET A 87 -6.92 -4.02 -8.86
CA MET A 87 -7.06 -4.35 -10.25
C MET A 87 -8.14 -5.44 -10.44
N TYR A 88 -8.16 -6.42 -9.54
CA TYR A 88 -9.14 -7.50 -9.66
C TYR A 88 -10.60 -7.04 -9.58
N GLU A 89 -10.84 -5.86 -9.04
CA GLU A 89 -12.22 -5.36 -8.94
C GLU A 89 -12.70 -4.84 -10.31
N GLY A 90 -11.77 -4.71 -11.26
CA GLY A 90 -12.13 -4.25 -12.59
C GLY A 90 -11.58 -2.89 -12.96
N TYR A 91 -11.01 -2.19 -11.98
CA TYR A 91 -10.45 -0.87 -12.21
C TYR A 91 -9.15 -0.93 -13.02
N PRO A 92 -9.02 -0.07 -14.04
CA PRO A 92 -7.76 -0.10 -14.78
C PRO A 92 -6.74 0.54 -13.81
N LEU A 93 -5.45 0.32 -14.02
CA LEU A 93 -4.46 0.85 -13.10
C LEU A 93 -4.38 2.37 -12.97
N TRP A 94 -4.82 3.09 -14.00
CA TRP A 94 -4.79 4.54 -13.91
C TRP A 94 -5.90 5.03 -12.95
N LYS A 95 -6.82 4.15 -12.57
CA LYS A 95 -7.86 4.53 -11.61
C LYS A 95 -7.36 4.12 -10.23
N VAL A 96 -6.83 2.91 -10.16
CA VAL A 96 -6.27 2.38 -8.94
C VAL A 96 -5.28 3.36 -8.32
N THR A 97 -4.44 3.96 -9.16
CA THR A 97 -3.41 4.88 -8.70
C THR A 97 -3.76 6.36 -8.78
N PHE A 98 -4.98 6.68 -9.17
CA PHE A 98 -5.43 8.07 -9.26
C PHE A 98 -5.16 8.85 -7.96
N PRO A 99 -5.48 8.27 -6.79
CA PRO A 99 -5.26 8.98 -5.53
C PRO A 99 -3.81 9.42 -5.32
N VAL A 100 -2.86 8.53 -5.64
CA VAL A 100 -1.45 8.84 -5.48
C VAL A 100 -1.05 10.15 -6.14
N ARG A 101 -1.53 10.39 -7.36
CA ARG A 101 -1.20 11.62 -8.04
C ARG A 101 -1.91 12.83 -7.43
N VAL A 102 -3.05 12.57 -6.80
CA VAL A 102 -3.79 13.62 -6.14
C VAL A 102 -2.97 14.04 -4.92
N PHE A 103 -2.49 13.06 -4.16
CA PHE A 103 -1.69 13.31 -2.97
C PHE A 103 -0.48 14.19 -3.30
N HIS A 104 0.19 13.88 -4.40
CA HIS A 104 1.34 14.63 -4.83
C HIS A 104 0.99 16.12 -5.01
N LEU A 105 -0.16 16.38 -5.64
CA LEU A 105 -0.60 17.74 -5.88
C LEU A 105 -1.10 18.41 -4.59
N LEU A 106 -1.38 17.61 -3.57
CA LEU A 106 -1.82 18.16 -2.29
C LEU A 106 -0.60 18.62 -1.50
N GLY A 107 0.57 18.14 -1.91
CA GLY A 107 1.81 18.50 -1.24
C GLY A 107 2.43 17.37 -0.44
N VAL A 108 1.94 16.16 -0.62
CA VAL A 108 2.48 15.01 0.09
C VAL A 108 3.85 14.64 -0.51
N ASP A 109 4.82 14.31 0.34
CA ASP A 109 6.12 13.95 -0.20
C ASP A 109 6.52 12.56 0.26
N THR A 110 5.61 11.92 0.98
CA THR A 110 5.90 10.57 1.45
C THR A 110 4.68 9.67 1.37
N LEU A 111 4.90 8.45 0.90
CA LEU A 111 3.82 7.49 0.78
C LEU A 111 4.15 6.23 1.58
N VAL A 112 3.27 5.88 2.51
CA VAL A 112 3.44 4.68 3.31
C VAL A 112 2.35 3.73 2.85
N VAL A 113 2.75 2.58 2.33
CA VAL A 113 1.80 1.58 1.87
C VAL A 113 1.84 0.35 2.75
N THR A 114 0.68 -0.18 3.08
CA THR A 114 0.61 -1.38 3.90
C THR A 114 -0.39 -2.32 3.24
N ASN A 115 -0.23 -3.61 3.46
CA ASN A 115 -1.12 -4.60 2.87
C ASN A 115 -1.03 -5.91 3.63
N ALA A 116 -1.94 -6.82 3.31
CA ALA A 116 -1.93 -8.15 3.90
C ALA A 116 -1.29 -8.98 2.78
N ALA A 117 -0.63 -10.08 3.11
CA ALA A 117 0.00 -10.89 2.09
C ALA A 117 0.22 -12.32 2.55
N GLY A 118 0.32 -13.20 1.56
CA GLY A 118 0.56 -14.60 1.85
C GLY A 118 2.06 -14.76 1.93
N GLY A 119 2.51 -15.55 2.89
CA GLY A 119 3.94 -15.75 3.04
C GLY A 119 4.43 -16.85 2.14
N LEU A 120 5.46 -16.52 1.35
CA LEU A 120 6.04 -17.48 0.43
C LEU A 120 7.33 -17.99 1.08
N ASN A 121 8.02 -17.11 1.79
CA ASN A 121 9.25 -17.49 2.48
C ASN A 121 8.87 -18.37 3.67
N PRO A 122 9.43 -19.59 3.73
CA PRO A 122 9.12 -20.51 4.82
C PRO A 122 9.47 -20.02 6.24
N LYS A 123 10.40 -19.07 6.34
CA LYS A 123 10.79 -18.54 7.64
C LYS A 123 9.61 -17.81 8.27
N PHE A 124 8.82 -17.15 7.42
CA PHE A 124 7.68 -16.37 7.87
C PHE A 124 6.61 -17.17 8.60
N GLU A 125 5.94 -16.50 9.53
CA GLU A 125 4.86 -17.11 10.30
C GLU A 125 3.70 -16.13 10.29
N VAL A 126 2.48 -16.64 10.42
CA VAL A 126 1.31 -15.78 10.44
C VAL A 126 1.55 -14.76 11.55
N GLY A 127 1.20 -13.50 11.28
CA GLY A 127 1.38 -12.45 12.26
C GLY A 127 2.64 -11.63 12.04
N ASP A 128 3.59 -12.22 11.32
CA ASP A 128 4.85 -11.53 11.03
C ASP A 128 4.63 -10.26 10.23
N ILE A 129 5.57 -9.33 10.36
CA ILE A 129 5.51 -8.08 9.63
C ILE A 129 6.71 -8.07 8.70
N MET A 130 6.48 -7.90 7.40
CA MET A 130 7.59 -7.87 6.47
C MET A 130 7.81 -6.49 5.88
N LEU A 131 8.98 -5.92 6.17
CA LEU A 131 9.34 -4.63 5.61
C LEU A 131 9.58 -4.92 4.13
N ILE A 132 9.06 -4.08 3.24
CA ILE A 132 9.26 -4.33 1.81
C ILE A 132 10.55 -3.70 1.30
N ARG A 133 11.50 -4.54 0.90
CA ARG A 133 12.77 -4.06 0.39
C ARG A 133 12.75 -3.94 -1.14
N ASP A 134 11.90 -4.73 -1.77
CA ASP A 134 11.81 -4.73 -3.24
C ASP A 134 10.51 -5.40 -3.68
N HIS A 135 10.21 -5.34 -4.97
CA HIS A 135 9.00 -5.98 -5.47
C HIS A 135 9.20 -6.55 -6.86
N ILE A 136 8.33 -7.49 -7.22
CA ILE A 136 8.34 -8.08 -8.54
C ILE A 136 6.97 -7.74 -9.11
N ASN A 137 6.96 -6.92 -10.16
CA ASN A 137 5.73 -6.49 -10.78
C ASN A 137 5.32 -7.36 -11.97
N LEU A 138 4.81 -8.55 -11.68
CA LEU A 138 4.37 -9.49 -12.72
C LEU A 138 3.38 -8.88 -13.70
N PRO A 139 2.34 -8.18 -13.20
CA PRO A 139 1.40 -7.59 -14.16
C PRO A 139 2.14 -6.60 -15.06
N GLY A 140 3.10 -5.87 -14.47
CA GLY A 140 3.87 -4.89 -15.20
C GLY A 140 4.66 -5.45 -16.38
N PHE A 141 5.20 -6.66 -16.23
CA PHE A 141 5.97 -7.27 -17.32
C PHE A 141 5.12 -7.42 -18.57
N SER A 142 3.82 -7.64 -18.37
CA SER A 142 2.87 -7.84 -19.47
C SER A 142 2.20 -6.62 -20.05
N GLY A 143 2.35 -5.47 -19.39
CA GLY A 143 1.72 -4.27 -19.91
C GLY A 143 0.88 -3.55 -18.88
N GLN A 144 0.48 -4.27 -17.82
CA GLN A 144 -0.32 -3.65 -16.76
C GLN A 144 0.60 -2.87 -15.80
N ASN A 145 1.00 -1.69 -16.27
CA ASN A 145 1.85 -0.78 -15.54
C ASN A 145 1.07 0.52 -15.54
N PRO A 146 0.91 1.13 -14.36
CA PRO A 146 0.16 2.39 -14.24
C PRO A 146 0.66 3.54 -15.09
N LEU A 147 1.91 3.48 -15.55
CA LEU A 147 2.45 4.56 -16.37
C LEU A 147 2.21 4.38 -17.86
N ARG A 148 1.63 3.25 -18.26
CA ARG A 148 1.38 3.02 -19.67
C ARG A 148 0.53 4.16 -20.23
N GLY A 149 0.90 4.63 -21.42
CA GLY A 149 0.19 5.73 -22.05
C GLY A 149 1.11 6.93 -22.12
N PRO A 150 0.68 8.04 -22.75
CA PRO A 150 1.59 9.20 -22.80
C PRO A 150 2.03 9.67 -21.41
N ASN A 151 3.28 10.09 -21.32
CA ASN A 151 3.83 10.55 -20.05
C ASN A 151 3.62 12.05 -19.90
N ASP A 152 3.32 12.48 -18.67
CA ASP A 152 3.14 13.90 -18.42
C ASP A 152 4.35 14.35 -17.63
N GLU A 153 5.18 15.17 -18.28
CA GLU A 153 6.40 15.69 -17.68
C GLU A 153 6.13 16.36 -16.33
N ARG A 154 4.94 16.93 -16.17
CA ARG A 154 4.61 17.59 -14.92
C ARG A 154 4.61 16.64 -13.74
N PHE A 155 4.45 15.34 -14.01
CA PHE A 155 4.47 14.36 -12.94
C PHE A 155 5.84 13.71 -12.82
N GLY A 156 6.47 13.42 -13.96
CA GLY A 156 7.78 12.78 -13.91
C GLY A 156 8.35 12.39 -15.26
N ASP A 157 9.40 11.59 -15.25
CA ASP A 157 10.03 11.17 -16.50
C ASP A 157 9.32 10.01 -17.18
N ARG A 158 9.64 9.81 -18.46
CA ARG A 158 9.06 8.75 -19.26
C ARG A 158 9.51 7.38 -18.76
N PHE A 159 10.78 7.28 -18.40
CA PHE A 159 11.38 6.03 -17.93
C PHE A 159 11.95 6.11 -16.51
N PRO A 160 11.08 6.15 -15.49
CA PRO A 160 11.59 6.23 -14.11
C PRO A 160 12.18 4.91 -13.62
N ALA A 161 13.19 5.03 -12.76
CA ALA A 161 13.85 3.86 -12.20
C ALA A 161 13.06 3.36 -11.00
N MET A 162 13.12 2.06 -10.75
CA MET A 162 12.41 1.48 -9.63
C MET A 162 13.32 0.67 -8.71
N SER A 163 14.59 0.53 -9.11
CA SER A 163 15.54 -0.24 -8.30
C SER A 163 15.73 0.34 -6.90
N ASP A 164 15.47 1.64 -6.74
CA ASP A 164 15.60 2.26 -5.43
C ASP A 164 14.23 2.76 -4.91
N ALA A 165 13.16 2.07 -5.31
CA ALA A 165 11.79 2.44 -4.92
C ALA A 165 11.55 2.52 -3.42
N TYR A 166 11.99 1.52 -2.68
CA TYR A 166 11.78 1.52 -1.25
C TYR A 166 12.93 2.20 -0.49
N ASP A 167 12.68 3.44 -0.10
CA ASP A 167 13.64 4.28 0.61
C ASP A 167 14.55 3.52 1.57
N ARG A 168 15.85 3.57 1.29
CA ARG A 168 16.84 2.90 2.10
C ARG A 168 16.86 3.47 3.53
N THR A 169 16.87 4.79 3.64
CA THR A 169 16.89 5.44 4.95
C THR A 169 15.73 5.01 5.83
N MET A 170 14.52 5.06 5.28
CA MET A 170 13.34 4.69 6.05
C MET A 170 13.36 3.24 6.48
N ARG A 171 13.90 2.37 5.63
CA ARG A 171 13.96 0.96 5.98
C ARG A 171 14.92 0.78 7.17
N GLN A 172 16.01 1.54 7.16
CA GLN A 172 16.96 1.45 8.26
C GLN A 172 16.29 1.96 9.54
N ARG A 173 15.72 3.16 9.48
CA ARG A 173 15.05 3.72 10.64
C ARG A 173 13.89 2.84 11.08
N ALA A 174 13.33 2.09 10.14
CA ALA A 174 12.22 1.19 10.47
C ALA A 174 12.78 0.03 11.28
N LEU A 175 13.89 -0.53 10.81
CA LEU A 175 14.53 -1.64 11.50
C LEU A 175 14.98 -1.18 12.89
N SER A 176 15.45 0.07 12.96
CA SER A 176 15.90 0.63 14.24
C SER A 176 14.72 0.73 15.18
N THR A 177 13.72 1.49 14.78
CA THR A 177 12.51 1.70 15.57
C THR A 177 11.99 0.38 16.15
N TRP A 178 11.85 -0.63 15.30
CA TRP A 178 11.35 -1.93 15.73
C TRP A 178 12.23 -2.48 16.86
N LYS A 179 13.52 -2.25 16.76
CA LYS A 179 14.48 -2.71 17.76
C LYS A 179 14.35 -1.86 19.03
N GLN A 180 14.27 -0.54 18.85
CA GLN A 180 14.15 0.39 19.97
C GLN A 180 12.92 0.05 20.82
N MET A 181 11.96 -0.63 20.20
CA MET A 181 10.74 -1.02 20.88
C MET A 181 10.91 -2.34 21.63
N GLY A 182 11.88 -3.14 21.21
CA GLY A 182 12.11 -4.42 21.85
C GLY A 182 10.88 -5.30 21.66
N GLU A 183 10.82 -6.00 20.52
CA GLU A 183 9.68 -6.85 20.20
C GLU A 183 9.99 -8.35 20.21
N GLN A 184 8.96 -9.15 20.47
CA GLN A 184 9.09 -10.60 20.53
C GLN A 184 9.74 -11.12 19.25
N ARG A 185 8.99 -11.09 18.16
CA ARG A 185 9.45 -11.54 16.83
C ARG A 185 10.33 -10.47 16.19
N GLU A 186 11.25 -10.91 15.33
CA GLU A 186 12.12 -9.96 14.63
C GLU A 186 11.32 -9.39 13.46
N LEU A 187 11.73 -8.22 12.97
CA LEU A 187 11.04 -7.60 11.86
C LEU A 187 11.53 -8.25 10.58
N GLN A 188 10.62 -8.90 9.85
CA GLN A 188 11.00 -9.56 8.60
C GLN A 188 11.20 -8.51 7.51
N GLU A 189 11.97 -8.88 6.48
CA GLU A 189 12.24 -7.99 5.36
C GLU A 189 12.36 -8.84 4.09
N GLY A 190 11.85 -8.33 2.98
CA GLY A 190 11.92 -9.10 1.75
C GLY A 190 11.23 -8.53 0.52
N THR A 191 11.09 -9.38 -0.49
CA THR A 191 10.49 -9.01 -1.76
C THR A 191 9.01 -9.34 -1.85
N TYR A 192 8.22 -8.35 -2.28
CA TYR A 192 6.79 -8.50 -2.45
C TYR A 192 6.46 -8.71 -3.93
N VAL A 193 5.76 -9.80 -4.25
CA VAL A 193 5.39 -10.04 -5.63
C VAL A 193 3.89 -9.79 -5.78
N MET A 194 3.55 -8.99 -6.78
CA MET A 194 2.14 -8.72 -7.04
C MET A 194 1.58 -9.62 -8.14
N VAL A 195 0.41 -10.20 -7.88
CA VAL A 195 -0.31 -11.00 -8.86
C VAL A 195 -1.68 -10.36 -8.87
N ALA A 196 -2.37 -10.42 -9.99
CA ALA A 196 -3.67 -9.78 -10.11
C ALA A 196 -4.80 -10.38 -9.26
N GLY A 197 -4.81 -11.69 -9.07
CA GLY A 197 -5.87 -12.30 -8.31
C GLY A 197 -7.12 -12.26 -9.18
N PRO A 198 -8.34 -12.31 -8.61
CA PRO A 198 -8.66 -12.39 -7.19
C PRO A 198 -8.61 -13.79 -6.59
N SER A 199 -8.53 -14.82 -7.43
CA SER A 199 -8.46 -16.18 -6.90
C SER A 199 -7.09 -16.43 -6.30
N PHE A 200 -7.02 -17.28 -5.28
CA PHE A 200 -5.74 -17.57 -4.62
C PHE A 200 -4.88 -18.52 -5.46
N GLU A 201 -3.59 -18.51 -5.18
CA GLU A 201 -2.61 -19.32 -5.89
C GLU A 201 -2.74 -20.83 -5.70
N THR A 202 -2.33 -21.57 -6.73
CA THR A 202 -2.32 -23.02 -6.67
C THR A 202 -0.95 -23.39 -6.12
N VAL A 203 -0.73 -24.68 -5.83
CA VAL A 203 0.57 -25.08 -5.30
C VAL A 203 1.65 -24.80 -6.34
N ALA A 204 1.40 -25.19 -7.59
CA ALA A 204 2.37 -24.98 -8.65
C ALA A 204 2.71 -23.49 -8.77
N GLU A 205 1.72 -22.63 -8.63
CA GLU A 205 1.96 -21.18 -8.73
C GLU A 205 2.78 -20.69 -7.53
N CYS A 206 2.48 -21.22 -6.33
CA CYS A 206 3.22 -20.83 -5.14
C CYS A 206 4.70 -21.13 -5.37
N ARG A 207 4.98 -22.30 -5.91
CA ARG A 207 6.36 -22.70 -6.20
C ARG A 207 7.00 -21.81 -7.25
N VAL A 208 6.21 -21.31 -8.20
CA VAL A 208 6.75 -20.41 -9.21
C VAL A 208 7.18 -19.13 -8.50
N LEU A 209 6.26 -18.57 -7.72
CA LEU A 209 6.53 -17.33 -7.00
C LEU A 209 7.77 -17.45 -6.09
N GLN A 210 7.95 -18.63 -5.49
CA GLN A 210 9.09 -18.87 -4.61
C GLN A 210 10.39 -18.95 -5.43
N LYS A 211 10.33 -19.65 -6.55
CA LYS A 211 11.49 -19.79 -7.43
C LYS A 211 11.93 -18.44 -7.99
N LEU A 212 11.01 -17.48 -8.07
CA LEU A 212 11.35 -16.17 -8.58
C LEU A 212 12.04 -15.31 -7.53
N GLY A 213 12.00 -15.78 -6.28
CA GLY A 213 12.64 -15.04 -5.22
C GLY A 213 11.72 -14.12 -4.44
N ALA A 214 10.42 -14.35 -4.52
CA ALA A 214 9.47 -13.51 -3.79
C ALA A 214 9.31 -14.05 -2.36
N ASP A 215 9.08 -13.16 -1.42
CA ASP A 215 8.93 -13.56 -0.02
C ASP A 215 7.48 -13.48 0.44
N ALA A 216 6.72 -12.57 -0.17
CA ALA A 216 5.32 -12.39 0.15
C ALA A 216 4.55 -12.10 -1.15
N VAL A 217 3.29 -12.53 -1.19
CA VAL A 217 2.46 -12.31 -2.37
C VAL A 217 1.16 -11.58 -2.04
N GLY A 218 0.82 -10.60 -2.87
CA GLY A 218 -0.40 -9.85 -2.66
C GLY A 218 -0.98 -9.43 -4.00
N MET A 219 -2.08 -8.67 -3.95
CA MET A 219 -2.74 -8.25 -5.18
C MET A 219 -2.84 -6.74 -5.30
N SER A 220 -1.91 -6.02 -4.69
CA SER A 220 -1.96 -4.57 -4.74
C SER A 220 -0.57 -3.96 -4.58
N THR A 221 -0.56 -2.71 -4.13
CA THR A 221 0.67 -1.97 -3.79
C THR A 221 1.63 -1.51 -4.86
N VAL A 222 2.22 -2.47 -5.56
CA VAL A 222 3.19 -2.14 -6.60
C VAL A 222 2.73 -1.00 -7.51
N PRO A 223 1.46 -1.01 -7.96
CA PRO A 223 1.07 0.09 -8.84
C PRO A 223 1.20 1.46 -8.17
N GLU A 224 0.71 1.57 -6.93
CA GLU A 224 0.77 2.83 -6.20
C GLU A 224 2.23 3.26 -5.98
N VAL A 225 3.08 2.29 -5.69
CA VAL A 225 4.49 2.56 -5.47
C VAL A 225 5.14 3.15 -6.71
N ILE A 226 4.83 2.56 -7.86
CA ILE A 226 5.40 3.02 -9.12
C ILE A 226 4.97 4.46 -9.41
N VAL A 227 3.70 4.77 -9.18
CA VAL A 227 3.24 6.12 -9.46
C VAL A 227 3.84 7.11 -8.46
N ALA A 228 3.97 6.68 -7.21
CA ALA A 228 4.55 7.51 -6.16
C ALA A 228 5.98 7.87 -6.57
N ARG A 229 6.77 6.84 -6.85
CA ARG A 229 8.14 7.05 -7.27
C ARG A 229 8.22 7.95 -8.49
N HIS A 230 7.35 7.72 -9.46
CA HIS A 230 7.35 8.53 -10.68
C HIS A 230 7.14 10.00 -10.30
N CYS A 231 6.40 10.22 -9.23
CA CYS A 231 6.10 11.55 -8.71
C CYS A 231 7.25 12.15 -7.90
N GLY A 232 8.13 11.29 -7.42
CA GLY A 232 9.26 11.75 -6.64
C GLY A 232 9.01 11.59 -5.15
N LEU A 233 7.91 10.95 -4.79
CA LEU A 233 7.59 10.75 -3.37
C LEU A 233 8.54 9.75 -2.73
N ARG A 234 8.73 9.87 -1.43
CA ARG A 234 9.56 8.95 -0.68
C ARG A 234 8.61 7.79 -0.43
N VAL A 235 9.08 6.56 -0.57
CA VAL A 235 8.20 5.42 -0.36
C VAL A 235 8.71 4.36 0.61
N PHE A 236 7.85 3.98 1.53
CA PHE A 236 8.16 2.97 2.52
C PHE A 236 6.91 2.11 2.72
N GLY A 237 7.08 0.83 3.05
CA GLY A 237 5.91 0.01 3.26
C GLY A 237 6.20 -1.38 3.81
N PHE A 238 5.14 -2.09 4.17
CA PHE A 238 5.28 -3.44 4.69
C PHE A 238 4.01 -4.26 4.54
N SER A 239 4.17 -5.57 4.71
CA SER A 239 3.07 -6.50 4.59
C SER A 239 2.85 -7.24 5.89
N LEU A 240 1.59 -7.53 6.19
CA LEU A 240 1.24 -8.30 7.36
C LEU A 240 1.00 -9.70 6.80
N ILE A 241 1.84 -10.65 7.18
CA ILE A 241 1.69 -12.02 6.70
C ILE A 241 0.46 -12.59 7.39
N THR A 242 -0.62 -12.74 6.64
CA THR A 242 -1.86 -13.25 7.20
C THR A 242 -2.01 -14.75 7.04
N ASN A 243 -1.14 -15.37 6.25
CA ASN A 243 -1.23 -16.80 6.02
C ASN A 243 0.00 -17.33 5.29
N LYS A 244 0.22 -18.64 5.41
CA LYS A 244 1.34 -19.30 4.74
C LYS A 244 0.75 -19.99 3.52
N VAL A 245 1.15 -19.55 2.33
CA VAL A 245 0.63 -20.14 1.10
C VAL A 245 0.98 -21.61 1.03
N ILE A 246 0.00 -22.42 0.62
CA ILE A 246 0.20 -23.86 0.51
C ILE A 246 1.27 -24.13 -0.57
N MET A 247 2.35 -24.80 -0.19
CA MET A 247 3.43 -25.10 -1.14
C MET A 247 3.70 -26.58 -1.41
N ASP A 248 2.86 -27.45 -0.88
CA ASP A 248 3.02 -28.89 -1.11
C ASP A 248 1.63 -29.50 -1.19
N TYR A 249 1.50 -30.62 -1.88
CA TYR A 249 0.20 -31.27 -2.04
C TYR A 249 -0.29 -32.04 -0.82
N GLU A 250 0.59 -32.24 0.16
CA GLU A 250 0.22 -32.96 1.37
C GLU A 250 -0.77 -32.17 2.22
N SER A 251 -0.59 -30.85 2.28
CA SER A 251 -1.45 -29.99 3.07
C SER A 251 -2.94 -30.12 2.70
N LEU A 252 -3.77 -30.21 3.73
CA LEU A 252 -5.22 -30.34 3.55
C LEU A 252 -5.95 -29.06 3.92
N GLU A 253 -5.24 -27.94 3.89
CA GLU A 253 -5.83 -26.65 4.20
C GLU A 253 -5.82 -25.74 2.96
N LYS A 254 -6.61 -24.68 3.00
CA LYS A 254 -6.70 -23.74 1.90
C LYS A 254 -6.87 -22.29 2.34
N ALA A 255 -6.28 -21.36 1.59
CA ALA A 255 -6.35 -19.93 1.87
C ALA A 255 -7.78 -19.41 1.73
N ASN A 256 -8.17 -18.52 2.63
CA ASN A 256 -9.52 -17.95 2.60
C ASN A 256 -9.61 -16.55 3.21
N PHE A 257 -10.65 -15.82 2.81
CA PHE A 257 -10.90 -14.46 3.30
C PHE A 257 -10.93 -14.39 4.82
N GLU A 258 -11.35 -15.49 5.45
CA GLU A 258 -11.43 -15.56 6.91
C GLU A 258 -10.04 -15.55 7.54
N GLU A 259 -9.14 -16.35 6.97
CA GLU A 259 -7.77 -16.43 7.46
C GLU A 259 -7.16 -15.03 7.51
N VAL A 260 -7.21 -14.33 6.38
CA VAL A 260 -6.67 -12.99 6.24
C VAL A 260 -7.16 -11.97 7.27
N LEU A 261 -8.46 -11.72 7.31
CA LEU A 261 -9.00 -10.73 8.26
C LEU A 261 -8.80 -11.11 9.72
N ALA A 262 -8.75 -12.42 10.00
CA ALA A 262 -8.53 -12.89 11.37
C ALA A 262 -7.11 -12.52 11.79
N ALA A 263 -6.16 -12.71 10.89
CA ALA A 263 -4.78 -12.35 11.16
C ALA A 263 -4.75 -10.84 11.28
N GLY A 264 -5.46 -10.19 10.36
CA GLY A 264 -5.54 -8.74 10.37
C GLY A 264 -6.45 -8.26 11.47
N LYS A 265 -6.73 -9.14 12.43
CA LYS A 265 -7.59 -8.83 13.57
C LYS A 265 -6.76 -8.78 14.86
N GLN A 266 -5.99 -9.84 15.10
CA GLN A 266 -5.16 -9.89 16.30
C GLN A 266 -3.88 -9.08 16.16
N ALA A 267 -2.96 -9.58 15.34
CA ALA A 267 -1.68 -8.91 15.12
C ALA A 267 -1.81 -7.61 14.35
N ALA A 268 -3.04 -7.17 14.14
CA ALA A 268 -3.28 -5.93 13.39
C ALA A 268 -2.76 -4.70 14.14
N GLN A 269 -3.20 -4.54 15.38
CA GLN A 269 -2.79 -3.40 16.20
C GLN A 269 -1.28 -3.17 16.26
N LYS A 270 -0.51 -4.24 16.19
CA LYS A 270 0.94 -4.13 16.22
C LYS A 270 1.44 -3.20 15.10
N LEU A 271 0.87 -3.37 13.90
CA LEU A 271 1.25 -2.54 12.75
C LEU A 271 0.86 -1.10 13.01
N GLU A 272 -0.34 -0.91 13.53
CA GLU A 272 -0.85 0.43 13.82
C GLU A 272 0.12 1.21 14.69
N GLN A 273 0.56 0.60 15.79
CA GLN A 273 1.51 1.25 16.69
C GLN A 273 2.78 1.56 15.90
N PHE A 274 3.32 0.54 15.25
CA PHE A 274 4.54 0.68 14.47
C PHE A 274 4.47 1.85 13.50
N VAL A 275 3.39 1.92 12.73
CA VAL A 275 3.22 3.01 11.76
C VAL A 275 3.16 4.36 12.45
N SER A 276 2.45 4.42 13.56
CA SER A 276 2.32 5.65 14.33
C SER A 276 3.69 6.13 14.80
N ILE A 277 4.43 5.24 15.46
CA ILE A 277 5.76 5.57 15.97
C ILE A 277 6.70 5.94 14.83
N LEU A 278 6.61 5.20 13.74
CA LEU A 278 7.44 5.43 12.57
C LEU A 278 7.30 6.84 12.00
N MET A 279 6.17 7.49 12.27
CA MET A 279 5.95 8.85 11.77
C MET A 279 7.05 9.81 12.23
N ALA A 280 7.51 9.65 13.47
CA ALA A 280 8.56 10.51 14.01
C ALA A 280 9.87 10.36 13.23
N SER A 281 10.05 9.19 12.63
CA SER A 281 11.25 8.91 11.85
C SER A 281 11.19 9.49 10.43
N ILE A 282 10.03 10.01 10.04
CA ILE A 282 9.88 10.60 8.72
C ILE A 282 10.30 12.06 8.75
N PRO A 283 11.35 12.41 7.99
CA PRO A 283 11.80 13.81 7.99
C PRO A 283 10.69 14.73 7.54
N LEU A 284 10.98 16.01 7.33
CA LEU A 284 9.94 16.94 6.91
C LEU A 284 10.39 17.95 5.87
S SO4 B . -4.49 -5.75 0.40
O1 SO4 B . -4.11 -5.89 1.96
O2 SO4 B . -5.22 -4.49 0.31
O3 SO4 B . -3.42 -5.77 -0.34
O4 SO4 B . -5.40 -6.84 0.22
S SO4 C . -4.57 -2.68 -25.53
O1 SO4 C . -4.16 -3.42 -24.17
O2 SO4 C . -5.79 -1.98 -25.24
O3 SO4 C . -3.62 -1.87 -25.90
O4 SO4 C . -4.85 -3.76 -26.40
O5' DIH D . -8.18 -12.13 1.67
C5' DIH D . -7.82 -11.50 0.46
C4' DIH D . -7.20 -10.17 0.26
C6' DIH D . -5.89 -10.14 0.95
C3' DIH D . -6.96 -9.83 -1.17
O3' DIH D . -7.30 -8.51 -1.60
C2' DIH D . -5.55 -10.29 -1.21
N1' DIH D . -4.88 -9.78 -0.04
C10 DIH D . -3.60 -10.37 0.28
C9 DIH D . -3.27 -11.80 0.51
C8 DIH D . -3.25 -12.50 1.70
N7 DIH D . -2.94 -13.77 1.58
C5 DIH D . -2.71 -13.96 0.22
C6 DIH D . -2.35 -15.16 -0.52
O6 DIH D . -2.14 -16.28 -0.05
N1 DIH D . -2.20 -14.96 -1.92
C2 DIH D . -2.41 -13.72 -2.58
N3 DIH D . -2.77 -12.59 -1.88
C4 DIH D . -2.91 -12.76 -0.47
#